data_4XT2
#
_entry.id   4XT2
#
_cell.length_a   74.253
_cell.length_b   84.390
_cell.length_c   82.784
_cell.angle_alpha   90.00
_cell.angle_beta   104.39
_cell.angle_gamma   90.00
#
_symmetry.space_group_name_H-M   'C 1 2 1'
#
loop_
_entity.id
_entity.type
_entity.pdbx_description
1 polymer 'Aryl hydrocarbon receptor nuclear translocator'
2 polymer 'Endothelial PAS domain-containing protein 1'
3 non-polymer (5S,7R)-5,7-bis(3-bromophenyl)-4,5,6,7-tetrahydrotetrazolo[1,5-a]pyrimidine
4 water water
#
loop_
_entity_poly.entity_id
_entity_poly.type
_entity_poly.pdbx_seq_one_letter_code
_entity_poly.pdbx_strand_id
1 'polypeptide(L)'
;GEFKGLNVCQPTRFISRHNIEGIFTFVDHRCVATVGYQPQELLGKNIVEFCHPEDQQLLRDSFQQVVKLKGQVLSVMFRF
RSKNQEWLWMRTSSFTFQNPYSDEIEYIICTNTNVKNSSQE
;
B,D
2 'polypeptide(L)'
;GEFKGLDSKTFLSEHSMDMKFTYCDDRITELIGYHPEELLGRSAYEFYHALDSENMTKSHQNLCTKGQVVSGQYRMLAKH
GGYVWLETQGTVIYNPRNLQPQCIMCVNYVLSEIEKN
;
A,C
#
loop_
_chem_comp.id
_chem_comp.type
_chem_comp.name
_chem_comp.formula
43L non-polymer (5S,7R)-5,7-bis(3-bromophenyl)-4,5,6,7-tetrahydrotetrazolo[1,5-a]pyrimidine 'C16 H13 Br2 N5'
#
# COMPACT_ATOMS: atom_id res chain seq x y z
N CYS A 9 6.61 -6.51 19.20
CA CYS A 9 5.34 -7.24 19.25
C CYS A 9 4.87 -7.66 17.86
N GLN A 10 4.72 -8.97 17.64
CA GLN A 10 4.28 -9.48 16.34
C GLN A 10 2.81 -9.16 16.10
N PRO A 11 2.44 -8.86 14.84
CA PRO A 11 1.01 -8.73 14.53
C PRO A 11 0.23 -10.03 14.69
N THR A 12 -1.07 -9.90 14.94
CA THR A 12 -1.94 -11.07 14.98
C THR A 12 -2.49 -11.27 13.57
N ARG A 13 -2.24 -12.44 12.99
CA ARG A 13 -2.65 -12.66 11.61
C ARG A 13 -2.82 -14.15 11.30
N PHE A 14 -3.51 -14.43 10.20
CA PHE A 14 -3.71 -15.81 9.78
C PHE A 14 -3.79 -15.89 8.28
N ILE A 15 -3.46 -17.06 7.75
CA ILE A 15 -3.49 -17.33 6.32
C ILE A 15 -4.81 -18.02 5.93
N SER A 16 -5.33 -17.64 4.78
CA SER A 16 -6.46 -18.36 4.21
C SER A 16 -6.27 -18.57 2.71
N ARG A 17 -6.89 -19.63 2.21
CA ARG A 17 -6.99 -19.87 0.79
C ARG A 17 -8.46 -19.75 0.39
N HIS A 18 -8.71 -19.14 -0.76
CA HIS A 18 -10.06 -18.94 -1.29
C HIS A 18 -10.15 -19.41 -2.71
N ASN A 19 -11.32 -19.87 -3.15
CA ASN A 19 -11.54 -19.98 -4.58
C ASN A 19 -11.78 -18.57 -5.15
N ILE A 20 -11.85 -18.42 -6.47
CA ILE A 20 -11.88 -17.06 -7.02
C ILE A 20 -13.22 -16.39 -6.70
N GLU A 21 -14.20 -17.17 -6.27
CA GLU A 21 -15.49 -16.62 -5.86
C GLU A 21 -15.49 -16.03 -4.43
N GLY A 22 -14.45 -16.36 -3.66
CA GLY A 22 -14.23 -15.77 -2.35
C GLY A 22 -14.46 -16.75 -1.21
N ILE A 23 -14.81 -17.98 -1.55
CA ILE A 23 -15.11 -18.99 -0.53
C ILE A 23 -13.83 -19.46 0.14
N PHE A 24 -13.84 -19.49 1.47
CA PHE A 24 -12.71 -20.04 2.20
C PHE A 24 -12.58 -21.53 1.88
N THR A 25 -11.43 -21.97 1.39
CA THR A 25 -11.17 -23.39 1.19
C THR A 25 -10.05 -23.94 2.05
N PHE A 26 -9.32 -23.07 2.73
CA PHE A 26 -8.38 -23.47 3.78
C PHE A 26 -8.23 -22.32 4.74
N VAL A 27 -8.14 -22.63 6.03
CA VAL A 27 -7.96 -21.59 7.05
C VAL A 27 -6.97 -22.04 8.11
N ASP A 28 -5.94 -21.23 8.31
CA ASP A 28 -4.91 -21.47 9.32
C ASP A 28 -5.51 -21.21 10.70
N HIS A 29 -5.18 -22.06 11.66
CA HIS A 29 -5.81 -22.03 12.99
C HIS A 29 -5.48 -20.77 13.80
N ARG A 30 -4.54 -19.96 13.30
CA ARG A 30 -4.31 -18.64 13.91
C ARG A 30 -5.55 -17.75 13.76
N CYS A 31 -6.52 -18.17 12.96
CA CYS A 31 -7.77 -17.42 12.83
C CYS A 31 -8.52 -17.29 14.17
N VAL A 32 -8.35 -18.26 15.06
CA VAL A 32 -9.07 -18.21 16.31
C VAL A 32 -8.68 -16.96 17.10
N ALA A 33 -7.37 -16.70 17.19
CA ALA A 33 -6.89 -15.53 17.94
C ALA A 33 -7.18 -14.21 17.24
N THR A 34 -7.29 -14.26 15.92
CA THR A 34 -7.38 -13.08 15.08
C THR A 34 -8.81 -12.59 15.00
N VAL A 35 -9.74 -13.50 14.72
CA VAL A 35 -11.14 -13.11 14.50
C VAL A 35 -12.16 -13.91 15.33
N GLY A 36 -11.69 -14.90 16.09
CA GLY A 36 -12.52 -15.61 17.04
C GLY A 36 -13.18 -16.88 16.54
N TYR A 37 -13.16 -17.13 15.24
CA TYR A 37 -13.80 -18.31 14.65
C TYR A 37 -12.86 -19.49 14.61
N GLN A 38 -13.41 -20.69 14.80
CA GLN A 38 -12.67 -21.89 14.48
C GLN A 38 -12.60 -22.01 12.97
N PRO A 39 -11.53 -22.62 12.44
CA PRO A 39 -11.46 -22.79 10.98
C PRO A 39 -12.71 -23.39 10.37
N GLN A 40 -13.33 -24.36 11.05
CA GLN A 40 -14.53 -25.03 10.53
C GLN A 40 -15.74 -24.09 10.40
N GLU A 41 -15.70 -22.96 11.10
CA GLU A 41 -16.78 -21.98 11.02
C GLU A 41 -16.61 -21.03 9.84
N LEU A 42 -15.44 -21.05 9.21
CA LEU A 42 -15.13 -20.18 8.07
C LEU A 42 -15.13 -20.98 6.77
N LEU A 43 -14.67 -22.22 6.85
CA LEU A 43 -14.59 -23.05 5.65
C LEU A 43 -15.92 -23.15 4.91
N GLY A 44 -15.90 -22.95 3.60
CA GLY A 44 -17.12 -23.09 2.81
C GLY A 44 -17.97 -21.83 2.73
N LYS A 45 -17.61 -20.84 3.53
CA LYS A 45 -18.30 -19.56 3.52
C LYS A 45 -17.55 -18.54 2.72
N ASN A 46 -18.25 -17.54 2.20
CA ASN A 46 -17.57 -16.49 1.45
C ASN A 46 -17.01 -15.46 2.42
N ILE A 47 -15.83 -14.93 2.12
CA ILE A 47 -15.26 -13.87 2.94
C ILE A 47 -16.23 -12.68 3.03
N VAL A 48 -17.02 -12.43 1.99
CA VAL A 48 -17.89 -11.25 1.98
CA VAL A 48 -17.89 -11.25 2.00
C VAL A 48 -19.02 -11.38 3.03
N GLU A 49 -19.32 -12.62 3.45
CA GLU A 49 -20.32 -12.88 4.48
C GLU A 49 -19.90 -12.35 5.86
N PHE A 50 -18.62 -12.03 6.01
CA PHE A 50 -18.11 -11.45 7.25
C PHE A 50 -17.79 -9.98 7.14
N CYS A 51 -18.09 -9.40 6.00
N CYS A 51 -18.12 -9.38 6.01
CA CYS A 51 -17.69 -8.05 5.63
CA CYS A 51 -17.75 -8.02 5.73
C CYS A 51 -18.75 -6.99 5.98
C CYS A 51 -18.80 -7.01 6.09
N HIS A 52 -18.32 -5.86 6.54
CA HIS A 52 -19.22 -4.74 6.86
C HIS A 52 -19.92 -4.29 5.59
N PRO A 53 -21.20 -3.91 5.69
CA PRO A 53 -21.94 -3.50 4.49
C PRO A 53 -21.28 -2.44 3.63
N GLU A 54 -20.64 -1.45 4.25
CA GLU A 54 -19.92 -0.41 3.52
C GLU A 54 -18.68 -0.89 2.78
N ASP A 55 -18.21 -2.09 3.11
CA ASP A 55 -16.95 -2.61 2.55
C ASP A 55 -17.18 -3.79 1.62
N GLN A 56 -18.43 -4.23 1.44
CA GLN A 56 -18.70 -5.43 0.67
C GLN A 56 -18.29 -5.29 -0.80
N GLN A 57 -18.65 -4.18 -1.43
CA GLN A 57 -18.29 -3.99 -2.83
C GLN A 57 -16.78 -3.86 -2.95
N LEU A 58 -16.18 -3.12 -2.03
CA LEU A 58 -14.74 -2.99 -2.01
C LEU A 58 -14.07 -4.36 -2.00
N LEU A 59 -14.58 -5.25 -1.17
CA LEU A 59 -13.95 -6.55 -1.07
C LEU A 59 -14.18 -7.40 -2.32
N ARG A 60 -15.37 -7.35 -2.89
CA ARG A 60 -15.61 -8.02 -4.15
C ARG A 60 -14.67 -7.50 -5.24
N ASP A 61 -14.52 -6.19 -5.28
CA ASP A 61 -13.68 -5.56 -6.28
C ASP A 61 -12.26 -6.00 -6.10
N SER A 62 -11.83 -6.12 -4.83
CA SER A 62 -10.48 -6.55 -4.51
C SER A 62 -10.22 -7.95 -4.99
N PHE A 63 -11.17 -8.86 -4.76
CA PHE A 63 -11.00 -10.23 -5.20
C PHE A 63 -11.02 -10.33 -6.73
N GLN A 64 -11.78 -9.46 -7.39
CA GLN A 64 -11.76 -9.47 -8.84
C GLN A 64 -10.42 -8.99 -9.39
N GLN A 65 -9.89 -7.95 -8.77
CA GLN A 65 -8.63 -7.39 -9.25
CA GLN A 65 -8.64 -7.35 -9.20
C GLN A 65 -7.45 -8.30 -8.98
N VAL A 66 -7.49 -9.05 -7.89
CA VAL A 66 -6.37 -9.94 -7.57
CA VAL A 66 -6.39 -9.96 -7.57
C VAL A 66 -6.25 -11.02 -8.64
N VAL A 67 -7.39 -11.50 -9.14
CA VAL A 67 -7.35 -12.47 -10.22
C VAL A 67 -6.74 -11.85 -11.47
N LYS A 68 -7.06 -10.60 -11.73
CA LYS A 68 -6.49 -9.94 -12.92
C LYS A 68 -4.99 -9.70 -12.78
N LEU A 69 -4.52 -9.60 -11.54
CA LEU A 69 -3.10 -9.33 -11.28
C LEU A 69 -2.18 -10.54 -11.49
N LYS A 70 -2.77 -11.69 -11.77
CA LYS A 70 -2.03 -12.92 -12.14
C LYS A 70 -0.78 -13.19 -11.30
N GLY A 71 -0.94 -13.12 -9.98
CA GLY A 71 0.13 -13.46 -9.04
C GLY A 71 0.69 -12.30 -8.27
N GLN A 72 0.45 -11.07 -8.71
CA GLN A 72 0.94 -9.90 -7.99
C GLN A 72 0.04 -9.64 -6.78
N VAL A 73 0.57 -8.98 -5.75
CA VAL A 73 -0.18 -8.72 -4.51
C VAL A 73 -1.08 -7.49 -4.54
N LEU A 74 -2.29 -7.66 -4.01
CA LEU A 74 -3.20 -6.57 -3.76
C LEU A 74 -3.49 -6.55 -2.27
N SER A 75 -3.64 -5.37 -1.68
CA SER A 75 -3.97 -5.32 -0.27
C SER A 75 -5.19 -4.44 -0.07
N VAL A 76 -6.02 -4.83 0.89
CA VAL A 76 -7.24 -4.08 1.19
C VAL A 76 -7.47 -4.07 2.70
N MET A 77 -7.98 -2.95 3.21
CA MET A 77 -8.29 -2.85 4.62
C MET A 77 -9.81 -2.73 4.75
N PHE A 78 -10.42 -3.56 5.58
CA PHE A 78 -11.87 -3.59 5.67
C PHE A 78 -12.30 -4.10 7.03
N ARG A 79 -13.59 -4.00 7.31
CA ARG A 79 -14.15 -4.42 8.59
C ARG A 79 -14.75 -5.82 8.51
N PHE A 80 -14.31 -6.69 9.42
CA PHE A 80 -14.62 -8.12 9.47
C PHE A 80 -15.35 -8.39 10.79
N ARG A 81 -16.51 -9.04 10.70
CA ARG A 81 -17.32 -9.34 11.87
C ARG A 81 -16.72 -10.52 12.65
N SER A 82 -16.24 -10.23 13.85
CA SER A 82 -15.67 -11.25 14.70
C SER A 82 -16.75 -12.17 15.27
N LYS A 83 -16.31 -13.28 15.86
CA LYS A 83 -17.20 -14.21 16.53
C LYS A 83 -17.99 -13.53 17.65
N ASN A 84 -17.44 -12.45 18.20
CA ASN A 84 -18.16 -11.68 19.23
C ASN A 84 -19.02 -10.56 18.63
N GLN A 85 -19.22 -10.63 17.32
CA GLN A 85 -20.10 -9.71 16.59
C GLN A 85 -19.63 -8.26 16.66
N GLU A 86 -18.31 -8.09 16.68
CA GLU A 86 -17.66 -6.77 16.67
C GLU A 86 -16.92 -6.56 15.36
N TRP A 87 -16.95 -5.34 14.85
CA TRP A 87 -16.25 -5.00 13.61
C TRP A 87 -14.76 -4.80 13.86
N LEU A 88 -13.94 -5.71 13.33
CA LEU A 88 -12.50 -5.62 13.45
C LEU A 88 -11.87 -5.14 12.15
N TRP A 89 -10.90 -4.25 12.27
CA TRP A 89 -10.18 -3.83 11.07
C TRP A 89 -9.16 -4.88 10.68
N MET A 90 -9.27 -5.31 9.44
CA MET A 90 -8.42 -6.34 8.89
C MET A 90 -7.71 -5.78 7.70
N ARG A 91 -6.44 -6.14 7.53
CA ARG A 91 -5.76 -5.84 6.29
C ARG A 91 -5.46 -7.19 5.68
N THR A 92 -5.98 -7.39 4.48
CA THR A 92 -5.82 -8.62 3.76
C THR A 92 -4.91 -8.35 2.58
N SER A 93 -3.82 -9.11 2.47
CA SER A 93 -2.96 -9.01 1.32
C SER A 93 -3.12 -10.31 0.57
N SER A 94 -3.42 -10.23 -0.72
CA SER A 94 -3.79 -11.43 -1.47
CA SER A 94 -3.77 -11.44 -1.45
C SER A 94 -3.08 -11.53 -2.80
N PHE A 95 -2.97 -12.76 -3.29
CA PHE A 95 -2.42 -12.99 -4.61
C PHE A 95 -2.91 -14.34 -5.08
N THR A 96 -2.89 -14.54 -6.39
CA THR A 96 -3.30 -15.82 -6.91
C THR A 96 -2.11 -16.75 -7.12
N PHE A 97 -2.39 -18.04 -7.07
CA PHE A 97 -1.40 -19.07 -7.39
C PHE A 97 -2.02 -20.08 -8.32
N GLN A 98 -1.24 -20.54 -9.27
CA GLN A 98 -1.67 -21.61 -10.14
C GLN A 98 -0.45 -22.50 -10.32
N ASN A 99 -0.65 -23.80 -10.15
CA ASN A 99 0.38 -24.78 -10.40
C ASN A 99 0.89 -24.63 -11.82
N PRO A 100 2.19 -24.33 -12.00
CA PRO A 100 2.69 -23.98 -13.33
C PRO A 100 2.69 -25.19 -14.31
N TYR A 101 2.61 -26.39 -13.75
CA TYR A 101 2.64 -27.61 -14.59
C TYR A 101 1.28 -28.11 -15.08
N SER A 102 0.20 -27.45 -14.66
CA SER A 102 -1.13 -27.84 -15.10
C SER A 102 -2.00 -26.64 -15.35
N ASP A 103 -3.19 -26.88 -15.83
CA ASP A 103 -4.15 -25.82 -16.07
C ASP A 103 -5.30 -25.84 -15.07
N GLU A 104 -4.99 -26.12 -13.82
CA GLU A 104 -5.98 -26.02 -12.74
C GLU A 104 -6.40 -24.56 -12.56
N ILE A 105 -7.66 -24.31 -12.21
CA ILE A 105 -8.07 -22.94 -11.97
C ILE A 105 -7.21 -22.37 -10.85
N GLU A 106 -6.89 -21.10 -10.96
CA GLU A 106 -6.09 -20.46 -9.93
C GLU A 106 -6.90 -20.34 -8.67
N TYR A 107 -6.20 -20.29 -7.53
CA TYR A 107 -6.85 -19.93 -6.28
C TYR A 107 -6.16 -18.73 -5.66
N ILE A 108 -6.74 -18.22 -4.59
CA ILE A 108 -6.26 -17.00 -3.95
C ILE A 108 -5.70 -17.32 -2.57
N ILE A 109 -4.52 -16.78 -2.27
CA ILE A 109 -3.90 -16.92 -0.96
C ILE A 109 -3.97 -15.54 -0.32
N CYS A 110 -4.46 -15.50 0.92
CA CYS A 110 -4.60 -14.26 1.70
C CYS A 110 -3.82 -14.37 2.99
N THR A 111 -3.21 -13.27 3.41
CA THR A 111 -2.74 -13.15 4.78
C THR A 111 -3.55 -11.99 5.37
N ASN A 112 -4.14 -12.25 6.53
CA ASN A 112 -5.16 -11.40 7.11
C ASN A 112 -4.68 -10.94 8.49
N THR A 113 -4.46 -9.65 8.67
CA THR A 113 -3.88 -9.15 9.90
C THR A 113 -4.79 -8.12 10.56
N ASN A 114 -4.98 -8.18 11.89
N ASN A 114 -4.90 -8.21 11.89
CA ASN A 114 -5.78 -7.13 12.58
CA ASN A 114 -5.51 -7.15 12.69
C ASN A 114 -4.89 -5.89 12.74
C ASN A 114 -4.72 -5.87 12.53
N VAL A 115 -5.39 -4.75 12.24
CA VAL A 115 -4.66 -3.50 12.18
C VAL A 115 -5.51 -2.40 12.79
N LYS A 116 -4.88 -1.25 13.00
CA LYS A 116 -5.57 -0.08 13.55
C LYS A 116 -6.06 0.84 12.49
N ASN A 117 -7.27 1.40 12.66
CA ASN A 117 -7.67 2.56 11.90
C ASN A 117 -7.38 3.80 12.73
N SER A 118 -6.18 4.33 12.54
CA SER A 118 -5.71 5.44 13.35
C SER A 118 -4.65 6.20 12.56
N SER A 119 -4.61 7.51 12.76
CA SER A 119 -3.62 8.32 12.05
C SER A 119 -2.29 8.34 12.77
N PRO B 11 9.16 12.29 -15.73
CA PRO B 11 8.06 11.54 -15.12
C PRO B 11 6.98 12.50 -14.65
N THR B 12 5.98 12.72 -15.48
CA THR B 12 5.09 13.84 -15.27
C THR B 12 4.00 13.57 -14.22
N ARG B 13 3.72 14.59 -13.43
CA ARG B 13 2.70 14.51 -12.36
C ARG B 13 2.12 15.88 -12.04
N PHE B 14 0.91 15.88 -11.51
CA PHE B 14 0.26 17.09 -11.04
C PHE B 14 -0.58 16.81 -9.81
N ILE B 15 -0.81 17.87 -9.04
CA ILE B 15 -1.62 17.79 -7.84
C ILE B 15 -3.04 18.27 -8.14
N SER B 16 -4.01 17.60 -7.54
CA SER B 16 -5.38 18.07 -7.61
C SER B 16 -6.01 17.99 -6.22
N ARG B 17 -7.00 18.84 -6.01
CA ARG B 17 -7.85 18.75 -4.83
C ARG B 17 -9.25 18.42 -5.28
N HIS B 18 -9.92 17.56 -4.51
CA HIS B 18 -11.27 17.14 -4.81
C HIS B 18 -12.13 17.21 -3.58
N ASN B 19 -13.41 17.47 -3.76
CA ASN B 19 -14.35 17.24 -2.68
C ASN B 19 -14.57 15.72 -2.58
N ILE B 20 -15.25 15.27 -1.56
CA ILE B 20 -15.31 13.85 -1.27
C ILE B 20 -16.13 13.11 -2.33
N GLU B 21 -16.91 13.87 -3.10
CA GLU B 21 -17.72 13.34 -4.21
C GLU B 21 -16.91 13.16 -5.51
N GLY B 22 -15.70 13.70 -5.54
CA GLY B 22 -14.77 13.53 -6.66
C GLY B 22 -14.56 14.74 -7.55
N ILE B 23 -15.27 15.84 -7.28
CA ILE B 23 -15.15 17.03 -8.15
C ILE B 23 -13.80 17.72 -7.95
N PHE B 24 -13.12 18.07 -9.06
CA PHE B 24 -11.91 18.89 -9.01
C PHE B 24 -12.24 20.27 -8.47
N THR B 25 -11.59 20.66 -7.38
CA THR B 25 -11.74 22.01 -6.85
C THR B 25 -10.44 22.82 -6.85
N PHE B 26 -9.34 22.15 -7.13
CA PHE B 26 -8.09 22.83 -7.44
C PHE B 26 -7.27 21.93 -8.36
N VAL B 27 -6.60 22.53 -9.32
CA VAL B 27 -5.76 21.78 -10.26
C VAL B 27 -4.46 22.52 -10.55
N ASP B 28 -3.36 21.91 -10.16
CA ASP B 28 -2.01 22.37 -10.48
C ASP B 28 -1.77 22.37 -12.01
N HIS B 29 -1.16 23.45 -12.52
N HIS B 29 -1.13 23.46 -12.46
CA HIS B 29 -0.96 23.68 -13.94
CA HIS B 29 -0.82 23.75 -13.87
C HIS B 29 0.02 22.68 -14.61
C HIS B 29 -0.04 22.66 -14.57
N ARG B 30 0.67 21.84 -13.79
CA ARG B 30 1.39 20.71 -14.35
C ARG B 30 0.46 19.72 -15.02
N CYS B 31 -0.86 19.87 -14.84
CA CYS B 31 -1.80 18.99 -15.52
C CYS B 31 -1.64 19.07 -17.03
N VAL B 32 -1.16 20.20 -17.57
CA VAL B 32 -1.04 20.33 -19.02
C VAL B 32 -0.07 19.29 -19.54
N ALA B 33 1.09 19.19 -18.90
CA ALA B 33 2.10 18.24 -19.34
C ALA B 33 1.65 16.79 -19.11
N THR B 34 0.93 16.56 -18.03
CA THR B 34 0.54 15.21 -17.62
C THR B 34 -0.60 14.65 -18.46
N VAL B 35 -1.67 15.43 -18.63
CA VAL B 35 -2.88 14.95 -19.29
C VAL B 35 -3.38 15.86 -20.42
N GLY B 36 -2.72 17.00 -20.63
CA GLY B 36 -3.01 17.83 -21.79
C GLY B 36 -4.04 18.92 -21.61
N TYR B 37 -4.76 18.85 -20.50
CA TYR B 37 -5.83 19.83 -20.24
C TYR B 37 -5.27 21.00 -19.49
N GLN B 38 -5.86 22.17 -19.69
CA GLN B 38 -5.65 23.29 -18.78
C GLN B 38 -6.44 23.07 -17.50
N PRO B 39 -6.00 23.67 -16.37
CA PRO B 39 -6.76 23.53 -15.13
C PRO B 39 -8.25 23.86 -15.27
N GLN B 40 -8.56 24.93 -16.02
CA GLN B 40 -9.94 25.36 -16.17
C GLN B 40 -10.82 24.33 -16.91
N GLU B 41 -10.20 23.40 -17.64
CA GLU B 41 -10.93 22.35 -18.34
C GLU B 41 -11.27 21.19 -17.41
N LEU B 42 -10.63 21.14 -16.25
CA LEU B 42 -10.89 20.08 -15.26
C LEU B 42 -11.69 20.58 -14.07
N LEU B 43 -11.48 21.82 -13.67
CA LEU B 43 -12.14 22.37 -12.47
C LEU B 43 -13.66 22.32 -12.57
N GLY B 44 -14.30 21.82 -11.52
CA GLY B 44 -15.75 21.70 -11.47
C GLY B 44 -16.30 20.42 -12.05
N LYS B 45 -15.44 19.60 -12.65
CA LYS B 45 -15.84 18.30 -13.20
C LYS B 45 -15.45 17.18 -12.24
N ASN B 46 -16.15 16.05 -12.30
CA ASN B 46 -15.79 14.89 -11.49
C ASN B 46 -14.63 14.10 -12.11
N ILE B 47 -13.70 13.63 -11.29
CA ILE B 47 -12.59 12.80 -11.80
C ILE B 47 -13.14 11.55 -12.52
N VAL B 48 -14.28 11.05 -12.07
CA VAL B 48 -14.83 9.83 -12.70
C VAL B 48 -15.15 10.05 -14.18
N GLU B 49 -15.49 11.27 -14.60
CA GLU B 49 -15.76 11.58 -16.01
C GLU B 49 -14.55 11.41 -16.94
N PHE B 50 -13.36 11.45 -16.38
CA PHE B 50 -12.13 11.25 -17.16
C PHE B 50 -11.59 9.84 -17.04
N CYS B 51 -12.26 9.01 -16.23
CA CYS B 51 -11.79 7.67 -15.97
C CYS B 51 -12.43 6.66 -16.93
N HIS B 52 -11.62 5.74 -17.42
CA HIS B 52 -12.09 4.63 -18.25
C HIS B 52 -13.20 3.84 -17.53
N PRO B 53 -14.31 3.54 -18.22
CA PRO B 53 -15.43 2.88 -17.50
C PRO B 53 -15.07 1.61 -16.74
N GLU B 54 -14.13 0.83 -17.24
CA GLU B 54 -13.68 -0.40 -16.57
C GLU B 54 -12.95 -0.14 -15.25
N ASP B 55 -12.45 1.09 -15.09
CA ASP B 55 -11.63 1.42 -13.92
C ASP B 55 -12.38 2.24 -12.92
N GLN B 56 -13.60 2.65 -13.26
CA GLN B 56 -14.28 3.61 -12.41
C GLN B 56 -14.59 3.10 -11.02
N GLN B 57 -14.95 1.84 -10.90
CA GLN B 57 -15.25 1.29 -9.57
C GLN B 57 -13.99 1.27 -8.69
N LEU B 58 -12.83 0.99 -9.27
CA LEU B 58 -11.57 1.01 -8.51
C LEU B 58 -11.24 2.40 -7.99
N LEU B 59 -11.48 3.39 -8.84
CA LEU B 59 -11.26 4.78 -8.48
C LEU B 59 -12.25 5.23 -7.40
N ARG B 60 -13.52 4.85 -7.54
CA ARG B 60 -14.53 5.15 -6.53
C ARG B 60 -14.15 4.53 -5.19
N ASP B 61 -13.70 3.28 -5.23
CA ASP B 61 -13.25 2.58 -4.03
C ASP B 61 -12.14 3.36 -3.34
N SER B 62 -11.19 3.84 -4.13
CA SER B 62 -10.07 4.58 -3.57
C SER B 62 -10.53 5.85 -2.88
N PHE B 63 -11.41 6.60 -3.51
CA PHE B 63 -11.96 7.83 -2.91
C PHE B 63 -12.82 7.52 -1.66
N GLN B 64 -13.52 6.41 -1.67
CA GLN B 64 -14.25 5.99 -0.47
C GLN B 64 -13.32 5.58 0.68
N GLN B 65 -12.26 4.86 0.37
CA GLN B 65 -11.32 4.38 1.39
C GLN B 65 -10.54 5.53 2.01
N VAL B 66 -10.19 6.54 1.22
CA VAL B 66 -9.34 7.62 1.74
C VAL B 66 -10.09 8.42 2.80
N VAL B 67 -11.40 8.48 2.68
CA VAL B 67 -12.26 9.12 3.67
C VAL B 67 -12.48 8.25 4.92
N LYS B 68 -12.65 6.94 4.73
CA LYS B 68 -12.83 5.96 5.82
C LYS B 68 -11.59 5.82 6.70
N LEU B 69 -10.43 5.74 6.05
CA LEU B 69 -9.20 5.35 6.71
C LEU B 69 -8.40 6.55 7.16
N LYS B 70 -8.11 6.60 8.45
CA LYS B 70 -7.45 7.73 9.03
C LYS B 70 -5.94 7.75 8.75
N GLY B 71 -5.47 8.87 8.22
CA GLY B 71 -4.05 9.11 8.06
C GLY B 71 -3.36 8.28 7.02
N GLN B 72 -4.13 7.70 6.10
CA GLN B 72 -3.52 6.86 5.09
C GLN B 72 -3.49 7.48 3.71
N VAL B 73 -2.53 7.01 2.93
CA VAL B 73 -2.45 7.36 1.52
C VAL B 73 -2.99 6.19 0.70
N LEU B 74 -4.00 6.46 -0.12
CA LEU B 74 -4.60 5.45 -0.95
C LEU B 74 -4.10 5.64 -2.37
N SER B 75 -3.72 4.58 -3.03
CA SER B 75 -3.21 4.70 -4.39
CA SER B 75 -3.18 4.67 -4.38
C SER B 75 -3.98 3.78 -5.32
N VAL B 76 -4.27 4.27 -6.52
CA VAL B 76 -4.99 3.50 -7.52
C VAL B 76 -4.40 3.78 -8.89
N MET B 77 -4.43 2.78 -9.75
CA MET B 77 -4.02 2.94 -11.15
C MET B 77 -5.24 2.86 -12.02
N PHE B 78 -5.39 3.82 -12.94
CA PHE B 78 -6.54 3.87 -13.84
C PHE B 78 -6.20 4.57 -15.13
N ARG B 79 -7.04 4.36 -16.15
CA ARG B 79 -6.84 5.04 -17.42
C ARG B 79 -7.61 6.36 -17.44
N PHE B 80 -6.90 7.42 -17.79
CA PHE B 80 -7.38 8.79 -17.79
C PHE B 80 -7.46 9.27 -19.23
N ARG B 81 -8.62 9.76 -19.63
CA ARG B 81 -8.83 10.27 -20.97
CA ARG B 81 -8.80 10.24 -20.99
C ARG B 81 -8.15 11.62 -21.15
N SER B 82 -7.02 11.63 -21.85
CA SER B 82 -6.25 12.86 -22.03
C SER B 82 -6.87 13.76 -23.07
N LYS B 83 -6.35 14.98 -23.19
CA LYS B 83 -6.95 15.96 -24.08
C LYS B 83 -6.88 15.51 -25.52
N ASN B 84 -5.78 14.87 -25.88
CA ASN B 84 -5.57 14.39 -27.24
C ASN B 84 -6.18 13.00 -27.46
N GLN B 85 -7.00 12.55 -26.50
CA GLN B 85 -7.79 11.33 -26.64
C GLN B 85 -7.02 10.01 -26.63
N GLU B 86 -5.99 9.95 -25.79
CA GLU B 86 -5.38 8.68 -25.44
C GLU B 86 -5.94 8.32 -24.09
N TRP B 87 -5.96 7.02 -23.79
CA TRP B 87 -6.23 6.55 -22.44
C TRP B 87 -4.88 6.41 -21.73
N LEU B 88 -4.46 7.41 -20.96
CA LEU B 88 -3.14 7.34 -20.31
C LEU B 88 -3.22 6.57 -18.99
N TRP B 89 -2.27 5.71 -18.73
CA TRP B 89 -2.19 5.08 -17.41
C TRP B 89 -1.71 6.08 -16.36
N MET B 90 -2.51 6.17 -15.29
CA MET B 90 -2.27 7.12 -14.23
C MET B 90 -2.22 6.41 -12.90
N ARG B 91 -1.34 6.87 -12.02
N ARG B 91 -1.30 6.81 -12.04
CA ARG B 91 -1.35 6.43 -10.63
CA ARG B 91 -1.41 6.45 -10.64
C ARG B 91 -1.67 7.64 -9.77
C ARG B 91 -1.77 7.71 -9.89
N THR B 92 -2.80 7.57 -9.06
CA THR B 92 -3.26 8.69 -8.25
C THR B 92 -3.09 8.23 -6.83
N SER B 93 -2.39 9.04 -6.01
CA SER B 93 -2.24 8.76 -4.59
C SER B 93 -2.92 9.87 -3.83
N SER B 94 -3.79 9.49 -2.89
CA SER B 94 -4.72 10.43 -2.28
C SER B 94 -4.62 10.38 -0.76
N PHE B 95 -4.87 11.52 -0.12
CA PHE B 95 -5.03 11.58 1.33
C PHE B 95 -6.02 12.68 1.63
N THR B 96 -6.57 12.70 2.84
CA THR B 96 -7.50 13.74 3.20
C THR B 96 -6.87 14.82 4.08
N PHE B 97 -7.46 16.01 4.01
CA PHE B 97 -7.14 17.10 4.90
C PHE B 97 -8.41 17.73 5.41
N GLN B 98 -8.39 18.10 6.69
CA GLN B 98 -9.47 18.85 7.29
C GLN B 98 -8.80 19.90 8.14
N ASN B 99 -9.27 21.15 8.03
CA ASN B 99 -8.67 22.24 8.75
C ASN B 99 -9.23 22.28 10.16
N PRO B 100 -8.40 21.97 11.17
CA PRO B 100 -8.89 21.72 12.53
C PRO B 100 -9.38 22.99 13.24
N TYR B 101 -9.08 24.16 12.67
CA TYR B 101 -9.68 25.41 13.18
C TYR B 101 -11.13 25.56 12.74
N SER B 102 -11.64 24.61 11.98
CA SER B 102 -12.99 24.64 11.43
C SER B 102 -13.70 23.33 11.61
N ASP B 103 -15.00 23.32 11.34
CA ASP B 103 -15.77 22.07 11.24
C ASP B 103 -16.21 21.90 9.79
N GLU B 104 -15.43 22.44 8.86
CA GLU B 104 -15.70 22.20 7.45
C GLU B 104 -15.34 20.76 7.08
N ILE B 105 -16.03 20.24 6.09
CA ILE B 105 -15.84 18.85 5.68
C ILE B 105 -14.43 18.66 5.13
N GLU B 106 -13.83 17.50 5.39
CA GLU B 106 -12.52 17.23 4.82
C GLU B 106 -12.59 17.17 3.28
N TYR B 107 -11.44 17.43 2.67
CA TYR B 107 -11.31 17.22 1.23
C TYR B 107 -10.12 16.33 0.95
N ILE B 108 -9.96 16.02 -0.34
CA ILE B 108 -9.00 15.01 -0.77
C ILE B 108 -7.93 15.69 -1.61
N ILE B 109 -6.67 15.37 -1.30
CA ILE B 109 -5.55 15.89 -2.06
C ILE B 109 -4.93 14.70 -2.76
N CYS B 110 -4.72 14.85 -4.06
CA CYS B 110 -4.17 13.80 -4.91
C CYS B 110 -2.90 14.22 -5.62
N THR B 111 -1.95 13.29 -5.74
CA THR B 111 -0.90 13.45 -6.73
CA THR B 111 -0.88 13.45 -6.74
C THR B 111 -1.16 12.45 -7.83
N ASN B 112 -1.07 12.92 -9.06
CA ASN B 112 -1.43 12.12 -10.23
C ASN B 112 -0.25 12.04 -11.20
N THR B 113 0.22 10.84 -11.48
CA THR B 113 1.42 10.64 -12.29
CA THR B 113 1.42 10.64 -12.30
C THR B 113 1.13 9.68 -13.46
N ASN B 114 1.71 9.93 -14.64
CA ASN B 114 1.62 8.98 -15.75
CA ASN B 114 1.71 8.96 -15.73
C ASN B 114 2.58 7.81 -15.35
N VAL B 115 2.09 6.61 -15.43
CA VAL B 115 2.93 5.45 -15.11
C VAL B 115 2.78 4.39 -16.18
N LYS B 116 3.63 3.37 -16.15
CA LYS B 116 3.48 2.23 -17.03
C LYS B 116 2.44 1.24 -16.51
N ASN B 117 1.70 0.61 -17.43
CA ASN B 117 1.08 -0.72 -17.26
C ASN B 117 -0.43 -0.79 -17.40
N GLY C 1 11.73 -36.94 -10.54
CA GLY C 1 10.73 -36.00 -10.10
C GLY C 1 9.34 -36.41 -10.56
N GLU C 2 8.32 -36.04 -9.80
CA GLU C 2 6.94 -36.41 -10.13
C GLU C 2 6.16 -35.10 -10.28
N PHE C 3 5.62 -34.85 -11.46
CA PHE C 3 4.98 -33.54 -11.73
C PHE C 3 3.47 -33.62 -11.86
N LYS C 4 2.93 -34.83 -11.69
CA LYS C 4 1.49 -35.02 -11.67
C LYS C 4 0.97 -34.89 -10.25
N GLY C 5 -0.24 -34.36 -10.11
CA GLY C 5 -0.95 -34.31 -8.85
C GLY C 5 -0.33 -33.39 -7.82
N LEU C 6 0.30 -32.31 -8.27
CA LEU C 6 1.10 -31.51 -7.35
C LEU C 6 0.25 -30.78 -6.31
N ASP C 7 -1.03 -30.58 -6.62
CA ASP C 7 -1.93 -29.95 -5.63
C ASP C 7 -1.97 -30.75 -4.33
N SER C 8 -1.90 -32.08 -4.45
CA SER C 8 -1.91 -32.95 -3.30
C SER C 8 -0.57 -32.94 -2.57
N LYS C 9 0.46 -32.30 -3.16
CA LYS C 9 1.78 -32.25 -2.54
C LYS C 9 2.24 -30.81 -2.34
N THR C 10 1.26 -29.92 -2.18
CA THR C 10 1.55 -28.50 -2.03
C THR C 10 1.26 -28.11 -0.58
N PHE C 11 2.12 -27.30 0.03
CA PHE C 11 1.85 -26.80 1.38
C PHE C 11 2.24 -25.36 1.47
N LEU C 12 1.55 -24.61 2.34
CA LEU C 12 1.80 -23.20 2.50
C LEU C 12 2.75 -22.96 3.69
N SER C 13 3.55 -21.90 3.62
CA SER C 13 4.36 -21.52 4.77
C SER C 13 4.54 -20.01 4.80
N GLU C 14 4.92 -19.51 5.95
CA GLU C 14 5.12 -18.09 6.14
C GLU C 14 6.44 -17.91 6.82
N HIS C 15 7.16 -16.85 6.46
CA HIS C 15 8.50 -16.64 6.97
C HIS C 15 8.76 -15.21 7.32
N SER C 16 9.69 -15.01 8.27
CA SER C 16 10.22 -13.69 8.54
CA SER C 16 10.24 -13.70 8.55
C SER C 16 11.11 -13.24 7.39
N MET C 17 11.66 -12.04 7.50
CA MET C 17 12.52 -11.55 6.44
C MET C 17 13.96 -12.06 6.61
N ASP C 18 14.21 -12.74 7.74
CA ASP C 18 15.53 -13.33 7.98
C ASP C 18 15.45 -14.86 7.93
N MET C 19 14.57 -15.37 7.07
CA MET C 19 14.58 -16.78 6.66
C MET C 19 14.12 -17.77 7.73
N LYS C 20 13.36 -17.28 8.71
CA LYS C 20 12.78 -18.16 9.72
C LYS C 20 11.31 -18.46 9.43
N PHE C 21 10.90 -19.69 9.71
CA PHE C 21 9.49 -20.07 9.65
C PHE C 21 8.71 -19.34 10.73
N THR C 22 7.59 -18.75 10.36
CA THR C 22 6.66 -18.21 11.33
C THR C 22 5.33 -18.95 11.28
N TYR C 23 5.12 -19.72 10.20
CA TYR C 23 3.95 -20.57 10.06
C TYR C 23 4.22 -21.67 9.03
N CYS C 24 3.67 -22.85 9.28
CA CYS C 24 3.69 -23.93 8.29
C CYS C 24 2.41 -24.75 8.36
N ASP C 25 1.88 -25.00 7.17
CA ASP C 25 0.79 -25.93 6.87
C ASP C 25 1.04 -27.31 7.45
N ASP C 26 0.05 -27.92 8.10
CA ASP C 26 0.24 -29.27 8.62
C ASP C 26 0.52 -30.32 7.53
N ARG C 27 0.28 -29.97 6.28
CA ARG C 27 0.53 -30.90 5.19
C ARG C 27 1.99 -31.30 5.09
N ILE C 28 2.88 -30.47 5.62
CA ILE C 28 4.31 -30.79 5.56
C ILE C 28 4.62 -32.10 6.30
N THR C 29 3.83 -32.45 7.31
CA THR C 29 4.18 -33.58 8.17
C THR C 29 4.09 -34.91 7.40
N GLU C 30 3.07 -35.05 6.57
CA GLU C 30 2.90 -36.27 5.80
C GLU C 30 3.93 -36.36 4.65
N LEU C 31 4.43 -35.23 4.21
CA LEU C 31 5.33 -35.15 3.06
C LEU C 31 6.80 -35.24 3.48
N ILE C 32 7.17 -34.47 4.50
CA ILE C 32 8.58 -34.34 4.86
C ILE C 32 8.87 -34.79 6.31
N GLY C 33 7.85 -34.85 7.16
CA GLY C 33 7.95 -35.43 8.49
C GLY C 33 7.93 -34.44 9.65
N TYR C 34 8.12 -33.17 9.36
CA TYR C 34 8.19 -32.17 10.41
C TYR C 34 6.80 -31.77 10.90
N HIS C 35 6.70 -31.46 12.20
CA HIS C 35 5.51 -30.85 12.75
C HIS C 35 5.66 -29.33 12.66
N PRO C 36 4.59 -28.62 12.27
CA PRO C 36 4.79 -27.18 12.08
C PRO C 36 5.40 -26.45 13.29
N GLU C 37 5.01 -26.78 14.52
CA GLU C 37 5.50 -26.03 15.66
C GLU C 37 7.00 -26.19 15.90
N GLU C 38 7.60 -27.27 15.39
CA GLU C 38 9.03 -27.49 15.58
C GLU C 38 9.84 -26.70 14.54
N LEU C 39 9.18 -26.16 13.51
CA LEU C 39 9.87 -25.36 12.49
C LEU C 39 9.90 -23.91 12.91
N LEU C 40 8.97 -23.50 13.78
CA LEU C 40 8.84 -22.09 14.09
C LEU C 40 10.13 -21.49 14.66
N GLY C 41 10.50 -20.33 14.13
CA GLY C 41 11.67 -19.61 14.60
C GLY C 41 12.97 -20.20 14.12
N ARG C 42 12.89 -21.31 13.38
CA ARG C 42 14.08 -21.96 12.86
C ARG C 42 14.40 -21.50 11.45
N SER C 43 15.69 -21.48 11.15
CA SER C 43 16.18 -20.98 9.88
C SER C 43 16.07 -22.00 8.74
N ALA C 44 15.74 -21.50 7.56
CA ALA C 44 15.76 -22.36 6.36
C ALA C 44 17.11 -23.06 6.18
N TYR C 45 18.19 -22.43 6.64
CA TYR C 45 19.52 -23.02 6.52
C TYR C 45 19.72 -24.28 7.36
N GLU C 46 18.80 -24.53 8.28
CA GLU C 46 18.87 -25.80 9.00
C GLU C 46 18.29 -26.95 8.17
N PHE C 47 17.62 -26.62 7.05
CA PHE C 47 16.92 -27.64 6.25
C PHE C 47 17.36 -27.73 4.79
N TYR C 48 17.92 -26.69 4.21
CA TYR C 48 18.40 -26.78 2.84
C TYR C 48 19.48 -27.83 2.71
N HIS C 49 19.39 -28.67 1.68
CA HIS C 49 20.52 -29.48 1.29
C HIS C 49 21.77 -28.61 1.07
N ALA C 50 22.92 -29.13 1.45
CA ALA C 50 24.18 -28.40 1.39
C ALA C 50 24.54 -27.93 -0.02
N LEU C 51 24.12 -28.69 -1.02
CA LEU C 51 24.38 -28.32 -2.40
C LEU C 51 23.53 -27.13 -2.89
N ASP C 52 22.47 -26.80 -2.15
CA ASP C 52 21.50 -25.81 -2.59
C ASP C 52 21.51 -24.50 -1.78
N SER C 53 22.17 -24.49 -0.61
CA SER C 53 22.23 -23.32 0.29
C SER C 53 22.58 -22.04 -0.46
N GLU C 54 23.61 -22.16 -1.28
CA GLU C 54 24.17 -21.03 -2.01
C GLU C 54 23.14 -20.42 -2.95
N ASN C 55 22.59 -21.28 -3.79
CA ASN C 55 21.63 -20.84 -4.78
C ASN C 55 20.39 -20.28 -4.09
N MET C 56 20.02 -20.85 -2.95
CA MET C 56 18.82 -20.39 -2.28
C MET C 56 19.05 -19.04 -1.60
N THR C 57 20.31 -18.72 -1.30
CA THR C 57 20.64 -17.42 -0.74
C THR C 57 20.47 -16.36 -1.84
N LYS C 58 20.96 -16.68 -3.03
CA LYS C 58 20.84 -15.80 -4.19
C LYS C 58 19.38 -15.66 -4.57
N SER C 59 18.63 -16.75 -4.46
CA SER C 59 17.24 -16.74 -4.85
C SER C 59 16.45 -15.87 -3.88
N HIS C 60 16.81 -15.92 -2.61
CA HIS C 60 16.15 -15.08 -1.63
C HIS C 60 16.46 -13.63 -1.90
N GLN C 61 17.67 -13.34 -2.37
CA GLN C 61 18.01 -11.96 -2.69
C GLN C 61 17.20 -11.51 -3.90
N ASN C 62 17.05 -12.38 -4.88
CA ASN C 62 16.19 -12.11 -6.04
C ASN C 62 14.75 -11.83 -5.59
N LEU C 63 14.23 -12.66 -4.68
CA LEU C 63 12.86 -12.46 -4.18
C LEU C 63 12.68 -11.09 -3.57
N CYS C 64 13.63 -10.66 -2.74
CA CYS C 64 13.52 -9.39 -2.06
C CYS C 64 13.59 -8.19 -3.00
N THR C 65 14.12 -8.40 -4.20
CA THR C 65 14.26 -7.34 -5.19
C THR C 65 13.03 -7.27 -6.08
N LYS C 66 12.48 -8.43 -6.42
CA LYS C 66 11.37 -8.52 -7.36
C LYS C 66 10.02 -8.46 -6.64
N GLY C 67 10.00 -8.86 -5.37
CA GLY C 67 8.77 -8.90 -4.60
C GLY C 67 8.05 -10.23 -4.69
N GLN C 68 8.16 -10.88 -5.84
CA GLN C 68 7.68 -12.23 -6.02
C GLN C 68 8.48 -12.93 -7.09
N VAL C 69 8.78 -14.20 -6.86
CA VAL C 69 9.48 -14.99 -7.86
C VAL C 69 9.46 -16.45 -7.44
N VAL C 70 9.67 -17.35 -8.39
CA VAL C 70 9.82 -18.76 -8.07
C VAL C 70 11.27 -19.02 -7.66
N SER C 71 11.47 -20.01 -6.81
CA SER C 71 12.76 -20.20 -6.13
C SER C 71 13.82 -20.88 -6.98
N GLY C 72 13.39 -21.68 -7.96
CA GLY C 72 14.24 -22.70 -8.51
C GLY C 72 14.12 -23.97 -7.69
N GLN C 73 14.43 -25.12 -8.29
CA GLN C 73 14.35 -26.37 -7.57
C GLN C 73 15.46 -26.49 -6.53
N TYR C 74 15.10 -27.06 -5.38
CA TYR C 74 16.05 -27.29 -4.29
C TYR C 74 15.59 -28.48 -3.47
N ARG C 75 16.45 -28.90 -2.54
CA ARG C 75 16.16 -30.04 -1.70
C ARG C 75 16.03 -29.63 -0.23
N MET C 76 14.98 -30.12 0.43
CA MET C 76 14.81 -29.98 1.88
C MET C 76 15.15 -31.32 2.53
N LEU C 77 16.05 -31.26 3.51
CA LEU C 77 16.35 -32.40 4.32
C LEU C 77 15.12 -32.82 5.11
N ALA C 78 14.83 -34.12 5.06
CA ALA C 78 13.65 -34.68 5.73
C ALA C 78 13.94 -35.09 7.18
N LYS C 79 12.90 -35.07 8.00
CA LYS C 79 13.08 -35.19 9.45
C LYS C 79 13.84 -36.44 9.87
N HIS C 80 13.53 -37.55 9.20
CA HIS C 80 14.07 -38.84 9.60
C HIS C 80 15.14 -39.32 8.64
N GLY C 81 15.71 -38.40 7.86
CA GLY C 81 16.81 -38.71 6.98
C GLY C 81 16.44 -38.52 5.52
N GLY C 82 17.46 -38.37 4.68
CA GLY C 82 17.23 -38.15 3.26
C GLY C 82 16.66 -36.78 2.97
N TYR C 83 16.08 -36.61 1.79
CA TYR C 83 15.51 -35.32 1.41
C TYR C 83 14.40 -35.47 0.39
N VAL C 84 13.69 -34.36 0.15
CA VAL C 84 12.77 -34.25 -0.96
C VAL C 84 13.15 -33.04 -1.83
N TRP C 85 12.93 -33.17 -3.13
CA TRP C 85 13.01 -32.04 -4.01
C TRP C 85 11.71 -31.25 -3.93
N LEU C 86 11.81 -29.94 -4.00
CA LEU C 86 10.63 -29.09 -4.06
C LEU C 86 10.98 -27.78 -4.78
N GLU C 87 9.95 -26.98 -5.03
CA GLU C 87 10.13 -25.62 -5.56
C GLU C 87 9.10 -24.74 -4.87
N THR C 88 9.45 -23.47 -4.71
CA THR C 88 8.66 -22.53 -3.93
C THR C 88 8.34 -21.29 -4.74
N GLN C 89 7.07 -20.88 -4.74
CA GLN C 89 6.67 -19.54 -5.21
C GLN C 89 6.67 -18.65 -3.98
N GLY C 90 7.55 -17.65 -3.94
CA GLY C 90 7.62 -16.73 -2.82
C GLY C 90 7.02 -15.39 -3.14
N THR C 91 6.44 -14.77 -2.13
CA THR C 91 5.80 -13.47 -2.28
C THR C 91 6.07 -12.68 -1.00
N VAL C 92 6.65 -11.50 -1.16
CA VAL C 92 6.89 -10.63 -0.04
C VAL C 92 5.61 -9.85 0.21
N ILE C 93 5.22 -9.79 1.47
CA ILE C 93 4.05 -9.02 1.89
C ILE C 93 4.53 -7.74 2.57
N TYR C 94 4.14 -6.59 2.02
CA TYR C 94 4.58 -5.29 2.53
C TYR C 94 3.48 -4.62 3.34
N ASN C 95 3.89 -3.77 4.27
CA ASN C 95 2.97 -2.86 4.96
C ASN C 95 2.69 -1.71 3.99
N PRO C 96 1.44 -1.56 3.54
CA PRO C 96 1.15 -0.51 2.55
C PRO C 96 1.38 0.88 3.08
N ARG C 97 1.42 1.02 4.40
CA ARG C 97 1.53 2.34 5.00
C ARG C 97 2.93 2.91 4.90
N ASN C 98 3.95 2.06 4.96
CA ASN C 98 5.32 2.52 4.87
C ASN C 98 6.18 1.66 3.91
N LEU C 99 5.53 0.68 3.29
CA LEU C 99 6.18 -0.24 2.35
C LEU C 99 7.36 -1.01 2.94
N GLN C 100 7.38 -1.18 4.26
CA GLN C 100 8.33 -2.08 4.89
C GLN C 100 7.88 -3.56 4.72
N PRO C 101 8.83 -4.47 4.47
CA PRO C 101 8.41 -5.88 4.36
C PRO C 101 8.01 -6.46 5.73
N GLN C 102 6.91 -7.20 5.77
CA GLN C 102 6.43 -7.81 7.01
C GLN C 102 6.76 -9.29 7.07
N CYS C 103 6.58 -9.98 5.97
CA CYS C 103 6.84 -11.41 5.95
C CYS C 103 6.87 -11.91 4.54
N ILE C 104 7.30 -13.16 4.38
CA ILE C 104 7.28 -13.82 3.09
C ILE C 104 6.28 -14.98 3.14
N MET C 105 5.39 -15.03 2.14
CA MET C 105 4.38 -16.07 2.00
C MET C 105 4.87 -16.99 0.90
N CYS C 106 4.81 -18.30 1.17
CA CYS C 106 5.30 -19.30 0.22
C CYS C 106 4.27 -20.36 -0.11
N VAL C 107 4.21 -20.68 -1.40
CA VAL C 107 3.49 -21.84 -1.86
C VAL C 107 4.56 -22.83 -2.30
N ASN C 108 4.60 -23.98 -1.62
CA ASN C 108 5.69 -24.94 -1.79
C ASN C 108 5.12 -26.20 -2.40
N TYR C 109 5.72 -26.70 -3.46
CA TYR C 109 5.22 -27.95 -4.03
C TYR C 109 6.34 -28.95 -4.12
N VAL C 110 6.06 -30.14 -3.57
CA VAL C 110 7.03 -31.21 -3.43
C VAL C 110 7.06 -32.05 -4.69
N LEU C 111 8.27 -32.26 -5.19
CA LEU C 111 8.51 -32.81 -6.52
C LEU C 111 9.01 -34.26 -6.51
N SER C 112 9.23 -34.82 -5.33
CA SER C 112 9.68 -36.19 -5.23
C SER C 112 9.30 -36.86 -3.91
N GLU C 113 9.49 -38.18 -3.86
CA GLU C 113 9.42 -38.91 -2.61
C GLU C 113 10.72 -38.64 -1.87
N ILE C 114 10.78 -39.10 -0.63
CA ILE C 114 12.00 -38.96 0.14
C ILE C 114 13.10 -39.80 -0.50
N GLU C 115 14.25 -39.18 -0.74
CA GLU C 115 15.38 -39.81 -1.41
C GLU C 115 16.60 -39.80 -0.51
N LYS C 116 17.52 -40.74 -0.76
CA LYS C 116 18.77 -40.81 -0.02
C LYS C 116 19.92 -40.28 -0.86
N PHE D 3 -9.92 38.60 8.10
CA PHE D 3 -10.71 38.94 6.94
C PHE D 3 -10.18 38.14 5.76
N LYS D 4 -9.90 36.86 6.02
CA LYS D 4 -9.54 35.91 4.99
C LYS D 4 -10.25 34.59 5.31
N GLY D 5 -10.99 34.05 4.34
CA GLY D 5 -11.58 32.71 4.48
C GLY D 5 -10.51 31.63 4.59
N LEU D 6 -10.90 30.41 5.01
CA LEU D 6 -9.92 29.37 5.27
C LEU D 6 -9.03 29.06 4.07
N ASP D 7 -9.65 28.95 2.91
CA ASP D 7 -8.93 28.55 1.71
C ASP D 7 -7.86 29.60 1.36
N SER D 8 -8.16 30.87 1.64
CA SER D 8 -7.24 31.94 1.28
C SER D 8 -5.97 31.94 2.15
N LYS D 9 -6.02 31.23 3.27
CA LYS D 9 -4.90 31.17 4.21
C LYS D 9 -4.13 29.86 4.13
N THR D 10 -4.50 29.03 3.16
CA THR D 10 -3.91 27.71 2.98
C THR D 10 -3.18 27.65 1.66
N PHE D 11 -2.06 26.93 1.60
CA PHE D 11 -1.44 26.66 0.31
C PHE D 11 -0.81 25.29 0.28
N LEU D 12 -0.83 24.68 -0.90
CA LEU D 12 -0.30 23.34 -1.08
C LEU D 12 1.14 23.40 -1.55
N SER D 13 1.93 22.43 -1.13
CA SER D 13 3.30 22.36 -1.61
C SER D 13 3.76 20.91 -1.71
N GLU D 14 4.78 20.70 -2.54
CA GLU D 14 5.33 19.38 -2.80
C GLU D 14 6.83 19.49 -2.58
N HIS D 15 7.43 18.45 -2.01
CA HIS D 15 8.84 18.48 -1.64
C HIS D 15 9.54 17.18 -1.98
N SER D 16 10.82 17.26 -2.31
CA SER D 16 11.57 16.02 -2.46
C SER D 16 11.96 15.58 -1.05
N MET D 17 12.65 14.45 -0.93
CA MET D 17 12.92 13.89 0.38
C MET D 17 14.12 14.58 1.02
N ASP D 18 14.69 15.55 0.31
CA ASP D 18 15.86 16.29 0.77
C ASP D 18 15.51 17.74 1.15
N MET D 19 14.24 17.98 1.50
CA MET D 19 13.79 19.30 1.98
C MET D 19 13.60 20.35 0.89
N LYS D 20 13.69 19.98 -0.40
CA LYS D 20 13.60 21.00 -1.45
C LYS D 20 12.18 21.14 -1.94
N PHE D 21 11.77 22.36 -2.21
CA PHE D 21 10.49 22.59 -2.90
C PHE D 21 10.53 22.05 -4.32
N THR D 22 9.50 21.30 -4.70
CA THR D 22 9.33 20.90 -6.11
C THR D 22 8.05 21.47 -6.73
N TYR D 23 7.15 21.95 -5.89
CA TYR D 23 5.92 22.63 -6.31
C TYR D 23 5.38 23.48 -5.17
N CYS D 24 4.78 24.61 -5.50
CA CYS D 24 4.03 25.37 -4.52
C CYS D 24 2.89 26.08 -5.25
N ASP D 25 1.70 26.12 -4.64
CA ASP D 25 0.58 26.81 -5.25
C ASP D 25 0.64 28.33 -4.97
N ASP D 26 0.06 29.10 -5.89
CA ASP D 26 0.23 30.55 -5.91
C ASP D 26 -0.40 31.29 -4.75
N ARG D 27 -1.22 30.60 -3.94
CA ARG D 27 -1.76 31.22 -2.75
C ARG D 27 -0.65 31.74 -1.82
N ILE D 28 0.56 31.19 -1.94
CA ILE D 28 1.65 31.62 -1.08
C ILE D 28 1.98 33.09 -1.33
N THR D 29 1.76 33.55 -2.55
CA THR D 29 2.23 34.89 -2.92
C THR D 29 1.57 35.98 -2.09
N GLU D 30 0.26 35.95 -1.93
CA GLU D 30 -0.42 36.97 -1.14
C GLU D 30 -0.14 36.83 0.35
N LEU D 31 0.23 35.63 0.79
CA LEU D 31 0.44 35.36 2.20
C LEU D 31 1.86 35.64 2.69
N ILE D 32 2.84 35.31 1.86
CA ILE D 32 4.24 35.36 2.28
C ILE D 32 5.12 36.14 1.30
N GLY D 33 4.63 36.34 0.08
CA GLY D 33 5.26 37.23 -0.87
C GLY D 33 6.02 36.57 -2.00
N TYR D 34 6.35 35.28 -1.88
CA TYR D 34 7.12 34.58 -2.91
C TYR D 34 6.26 34.15 -4.09
N HIS D 35 6.82 34.17 -5.28
CA HIS D 35 6.24 33.41 -6.39
C HIS D 35 6.74 32.00 -6.29
N PRO D 36 5.88 31.02 -6.54
CA PRO D 36 6.36 29.63 -6.41
C PRO D 36 7.67 29.32 -7.18
N GLU D 37 7.85 29.86 -8.38
CA GLU D 37 9.05 29.63 -9.18
C GLU D 37 10.34 29.89 -8.41
N GLU D 38 10.32 30.89 -7.55
CA GLU D 38 11.54 31.27 -6.87
C GLU D 38 11.86 30.40 -5.66
N LEU D 39 10.95 29.48 -5.31
CA LEU D 39 11.22 28.54 -4.24
C LEU D 39 11.79 27.21 -4.78
N LEU D 40 11.54 26.94 -6.05
CA LEU D 40 11.83 25.61 -6.57
C LEU D 40 13.31 25.31 -6.51
N GLY D 41 13.61 24.12 -6.03
CA GLY D 41 14.98 23.66 -5.95
C GLY D 41 15.70 24.19 -4.75
N ARG D 42 15.01 24.99 -3.92
CA ARG D 42 15.62 25.53 -2.71
C ARG D 42 15.14 24.75 -1.49
N SER D 43 15.98 24.75 -0.45
CA SER D 43 15.67 24.02 0.78
C SER D 43 14.81 24.84 1.73
N ALA D 44 13.92 24.16 2.44
CA ALA D 44 13.17 24.80 3.53
C ALA D 44 14.09 25.46 4.54
N TYR D 45 15.27 24.88 4.73
CA TYR D 45 16.21 25.44 5.70
C TYR D 45 16.75 26.80 5.31
N GLU D 46 16.59 27.16 4.04
CA GLU D 46 16.94 28.51 3.62
C GLU D 46 15.94 29.53 4.12
N PHE D 47 14.75 29.07 4.49
CA PHE D 47 13.62 29.96 4.83
C PHE D 47 13.11 29.86 6.27
N TYR D 48 13.37 28.76 6.96
CA TYR D 48 12.98 28.68 8.36
C TYR D 48 13.71 29.73 9.19
N HIS D 49 13.01 30.30 10.16
CA HIS D 49 13.66 31.15 11.17
C HIS D 49 14.71 30.28 11.85
N ALA D 50 15.89 30.83 12.14
CA ALA D 50 16.99 30.03 12.66
C ALA D 50 16.58 29.35 13.97
N LEU D 51 15.69 29.98 14.71
CA LEU D 51 15.30 29.50 16.04
C LEU D 51 14.28 28.37 15.94
N ASP D 52 13.78 28.12 14.73
CA ASP D 52 12.91 26.98 14.51
C ASP D 52 13.60 25.83 13.78
N SER D 53 14.86 26.01 13.38
CA SER D 53 15.55 25.04 12.52
C SER D 53 15.68 23.68 13.18
N GLU D 54 16.16 23.65 14.41
CA GLU D 54 16.37 22.39 15.11
C GLU D 54 15.04 21.68 15.34
N ASN D 55 13.99 22.41 15.66
CA ASN D 55 12.68 21.79 15.88
C ASN D 55 12.10 21.21 14.59
N MET D 56 12.31 21.91 13.47
CA MET D 56 11.77 21.39 12.21
C MET D 56 12.55 20.17 11.72
N THR D 57 13.81 20.07 12.11
CA THR D 57 14.60 18.89 11.81
C THR D 57 13.97 17.70 12.53
N LYS D 58 13.63 17.88 13.81
CA LYS D 58 13.03 16.82 14.59
C LYS D 58 11.66 16.50 14.02
N SER D 59 10.95 17.53 13.58
CA SER D 59 9.62 17.32 13.06
C SER D 59 9.65 16.51 11.76
N HIS D 60 10.65 16.77 10.92
CA HIS D 60 10.80 16.04 9.66
C HIS D 60 11.13 14.58 9.92
N GLN D 61 11.98 14.31 10.91
CA GLN D 61 12.31 12.94 11.29
C GLN D 61 11.02 12.20 11.71
N ASN D 62 10.18 12.88 12.47
CA ASN D 62 8.92 12.33 12.95
C ASN D 62 7.97 12.05 11.77
N LEU D 63 7.93 12.97 10.83
CA LEU D 63 7.16 12.77 9.59
C LEU D 63 7.60 11.52 8.85
N CYS D 64 8.91 11.35 8.69
CA CYS D 64 9.42 10.23 7.92
C CYS D 64 9.13 8.90 8.60
N THR D 65 9.02 8.93 9.93
CA THR D 65 8.76 7.74 10.70
C THR D 65 7.28 7.40 10.74
N LYS D 66 6.42 8.41 10.81
CA LYS D 66 4.99 8.17 11.01
C LYS D 66 4.13 8.27 9.75
N GLY D 67 4.65 8.87 8.69
CA GLY D 67 3.96 8.89 7.41
C GLY D 67 3.12 10.14 7.19
N GLN D 68 2.38 10.54 8.23
CA GLN D 68 1.58 11.75 8.19
C GLN D 68 1.58 12.37 9.58
N VAL D 69 1.97 13.64 9.68
CA VAL D 69 2.02 14.31 10.98
C VAL D 69 1.80 15.80 10.77
N VAL D 70 1.44 16.50 11.85
CA VAL D 70 1.39 17.95 11.81
C VAL D 70 2.70 18.51 12.35
N SER D 71 3.17 19.61 11.78
CA SER D 71 4.54 20.07 11.99
C SER D 71 4.85 20.72 13.34
N GLY D 72 3.83 21.26 13.98
CA GLY D 72 4.02 22.24 15.02
C GLY D 72 4.15 23.61 14.38
N GLN D 73 4.04 24.68 15.16
CA GLN D 73 4.14 26.02 14.61
C GLN D 73 5.58 26.40 14.33
N TYR D 74 5.79 27.04 13.20
CA TYR D 74 7.12 27.50 12.83
C TYR D 74 6.99 28.77 12.02
N ARG D 75 8.12 29.43 11.80
CA ARG D 75 8.15 30.66 11.04
C ARG D 75 8.85 30.49 9.71
N MET D 76 8.26 31.07 8.67
CA MET D 76 8.93 31.20 7.39
C MET D 76 9.29 32.65 7.13
N LEU D 77 10.55 32.88 6.79
CA LEU D 77 11.04 34.20 6.41
C LEU D 77 10.25 34.69 5.20
N ALA D 78 9.70 35.90 5.28
CA ALA D 78 8.91 36.47 4.20
C ALA D 78 9.79 37.13 3.17
N LYS D 79 9.28 37.24 1.94
CA LYS D 79 10.05 37.71 0.79
C LYS D 79 10.79 39.00 1.05
N HIS D 80 10.09 39.96 1.66
CA HIS D 80 10.65 41.30 1.87
C HIS D 80 11.00 41.55 3.32
N GLY D 81 11.25 40.48 4.07
CA GLY D 81 11.68 40.60 5.46
C GLY D 81 10.58 40.27 6.42
N GLY D 82 10.96 39.98 7.67
CA GLY D 82 10.02 39.54 8.66
C GLY D 82 9.68 38.08 8.43
N TYR D 83 8.67 37.59 9.14
CA TYR D 83 8.33 36.17 9.14
C TYR D 83 6.83 36.00 9.25
N VAL D 84 6.36 34.85 8.79
CA VAL D 84 4.98 34.47 8.95
C VAL D 84 4.98 33.14 9.70
N TRP D 85 4.07 33.02 10.66
CA TRP D 85 3.84 31.77 11.35
C TRP D 85 2.98 30.84 10.51
N LEU D 86 3.40 29.57 10.44
CA LEU D 86 2.68 28.51 9.73
C LEU D 86 2.56 27.28 10.57
N GLU D 87 1.64 26.41 10.16
CA GLU D 87 1.66 25.02 10.56
C GLU D 87 1.29 24.19 9.34
N THR D 88 1.90 23.01 9.26
CA THR D 88 1.85 22.18 8.07
C THR D 88 1.39 20.77 8.42
N GLN D 89 0.48 20.19 7.63
CA GLN D 89 0.26 18.74 7.65
C GLN D 89 1.10 18.18 6.52
N GLY D 90 2.02 17.29 6.85
CA GLY D 90 2.86 16.68 5.84
C GLY D 90 2.51 15.23 5.68
N THR D 91 2.68 14.72 4.46
CA THR D 91 2.35 13.33 4.14
C THR D 91 3.39 12.78 3.20
N VAL D 92 4.00 11.67 3.59
CA VAL D 92 4.96 10.99 2.71
C VAL D 92 4.23 10.15 1.67
N ILE D 93 4.60 10.31 0.40
CA ILE D 93 4.02 9.53 -0.70
C ILE D 93 5.07 8.55 -1.15
N TYR D 94 4.72 7.27 -1.13
CA TYR D 94 5.61 6.23 -1.59
C TYR D 94 5.20 5.78 -2.99
N ASN D 95 6.19 5.38 -3.76
CA ASN D 95 5.94 4.70 -5.01
C ASN D 95 5.69 3.23 -4.69
N PRO D 96 4.41 2.77 -4.75
CA PRO D 96 4.01 1.47 -4.21
C PRO D 96 4.64 0.29 -4.93
N ARG D 97 5.23 0.57 -6.08
CA ARG D 97 6.11 -0.36 -6.76
C ARG D 97 7.49 0.27 -6.73
N ASN D 98 8.38 -0.31 -5.93
CA ASN D 98 9.79 0.07 -5.76
C ASN D 98 10.10 0.61 -4.36
N LEU D 99 9.04 0.75 -3.55
CA LEU D 99 9.14 0.86 -2.11
C LEU D 99 9.74 2.18 -1.63
N GLN D 100 10.07 3.05 -2.57
CA GLN D 100 10.84 4.23 -2.26
C GLN D 100 9.89 5.41 -2.03
N PRO D 101 10.18 6.22 -1.02
CA PRO D 101 9.41 7.47 -0.86
C PRO D 101 9.61 8.37 -2.09
N GLN D 102 8.53 8.96 -2.63
CA GLN D 102 8.63 9.72 -3.87
C GLN D 102 8.66 11.20 -3.58
N CYS D 103 7.93 11.60 -2.56
CA CYS D 103 7.82 13.02 -2.23
C CYS D 103 7.08 13.22 -0.92
N ILE D 104 7.15 14.44 -0.42
CA ILE D 104 6.36 14.86 0.71
C ILE D 104 5.37 15.90 0.22
N MET D 105 4.11 15.67 0.53
N MET D 105 4.10 15.70 0.57
CA MET D 105 3.03 16.56 0.19
CA MET D 105 3.03 16.60 0.15
C MET D 105 2.64 17.34 1.43
C MET D 105 2.39 17.31 1.34
N CYS D 106 2.40 18.63 1.29
CA CYS D 106 2.07 19.47 2.44
C CYS D 106 0.86 20.34 2.21
N VAL D 107 0.05 20.46 3.26
CA VAL D 107 -1.03 21.42 3.30
C VAL D 107 -0.58 22.40 4.38
N ASN D 108 -0.33 23.63 3.97
CA ASN D 108 0.26 24.65 4.82
C ASN D 108 -0.78 25.68 5.16
N TYR D 109 -0.86 26.03 6.44
CA TYR D 109 -1.87 26.97 6.89
C TYR D 109 -1.19 28.09 7.64
N VAL D 110 -1.50 29.32 7.23
CA VAL D 110 -0.85 30.50 7.78
C VAL D 110 -1.56 30.99 9.04
N LEU D 111 -0.77 31.29 10.08
CA LEU D 111 -1.32 31.62 11.42
C LEU D 111 -1.14 33.07 11.83
N SER D 112 -0.38 33.84 11.06
CA SER D 112 -0.17 35.25 11.37
C SER D 112 0.05 36.06 10.13
N GLU D 113 0.02 37.37 10.31
CA GLU D 113 0.44 38.33 9.30
C GLU D 113 1.96 38.31 9.31
N ILE D 114 2.57 39.05 8.39
CA ILE D 114 4.01 39.21 8.43
C ILE D 114 4.41 40.04 9.66
N GLU D 115 5.31 39.49 10.48
CA GLU D 115 5.80 40.14 11.69
C GLU D 115 7.29 40.41 11.60
N LYS D 116 7.77 41.41 12.34
CA LYS D 116 9.19 41.79 12.29
C LYS D 116 9.96 41.22 13.49
CAJ 43L E . 11.67 -18.37 -1.38
CAQ 43L E . 12.28 -17.97 -2.54
BRB 43L E . 11.19 -17.49 -4.03
CAF 43L E . 13.65 -17.91 -2.65
CAD 43L E . 14.41 -18.26 -1.56
CAH 43L E . 13.79 -18.66 -0.37
CAS 43L E . 12.39 -18.69 -0.26
CAV 43L E . 11.68 -19.14 0.96
CAK 43L E . 11.75 -20.57 1.24
NAW 43L E . 12.12 -18.49 2.17
NAN 43L E . 12.34 -17.12 2.32
NAL 43L E . 12.69 -16.97 3.52
NAM 43L E . 12.71 -18.11 4.26
CAT 43L E . 12.34 -19.10 3.41
NAO 43L E . 12.16 -20.43 3.58
CAU 43L E . 11.33 -21.09 2.56
CAR 43L E . 11.20 -22.56 2.71
CAI 43L E . 12.33 -23.27 3.05
CAP 43L E . 12.27 -24.61 3.17
BRA 43L E . 13.82 -25.52 3.64
CAE 43L E . 11.15 -25.33 2.98
CAC 43L E . 9.99 -24.65 2.63
CAG 43L E . 10.01 -23.28 2.47
HAJ1 43L E . 10.56 -18.39 -1.32
HAF1 43L E . 14.18 -17.60 -3.57
HAD1 43L E . 15.52 -18.22 -1.61
HAH1 43L E . 14.45 -18.92 0.49
HAV1 43L E . 10.61 -18.73 0.82
HAK1 43L E . 12.80 -20.80 1.08
HAK2 43L E . 11.16 -21.10 0.47
HAO1 43L E . 12.31 -20.93 4.48
HAU1 43L E . 10.25 -20.82 2.78
HAI1 43L E . 13.30 -22.78 3.22
HAE1 43L E . 11.16 -26.43 3.10
HAC1 43L E . 9.06 -25.24 2.47
HAG1 43L E . 9.05 -22.78 2.20
CAJ 43L F . 6.57 18.97 7.22
CAQ 43L F . 6.52 18.44 8.47
BRB 43L F . 4.85 17.68 9.06
CAF 43L F . 7.60 18.43 9.30
CAD 43L F . 8.77 18.99 8.86
CAH 43L F . 8.85 19.53 7.57
CAS 43L F . 7.74 19.52 6.73
CAV 43L F . 7.71 20.12 5.38
CAK 43L F . 7.60 21.60 5.31
NAW 43L F . 8.85 19.74 4.51
NAN 43L F . 9.39 18.50 4.41
NAL 43L F . 10.31 18.59 3.55
NAM 43L F . 10.46 19.80 2.99
CAT 43L F . 9.52 20.58 3.63
NAO 43L F . 9.18 21.87 3.49
CAU 43L F . 7.85 22.29 4.04
CAR 43L F . 7.58 23.73 3.97
CAI 43L F . 8.59 24.62 4.37
CAP 43L F . 8.36 25.94 4.34
BRA 43L F . 9.78 27.09 4.91
CAE 43L F . 7.22 26.50 3.95
CAC 43L F . 6.20 25.63 3.53
CAG 43L F . 6.37 24.28 3.54
HAJ1 43L F . 5.67 18.96 6.58
HAF1 43L F . 7.57 18.00 10.32
HAD1 43L F . 9.66 18.98 9.51
HAH1 43L F . 9.82 19.98 7.25
HAV1 43L F . 6.84 19.57 4.87
HAK1 43L F . 8.32 21.94 6.05
HAK2 43L F . 6.58 21.89 5.66
HAO1 43L F . 9.70 22.55 2.90
HAU1 43L F . 7.07 21.96 3.27
HAI1 43L F . 9.56 24.28 4.73
HAE1 43L F . 7.11 27.59 3.94
HAC1 43L F . 5.23 26.10 3.20
HAG1 43L F . 5.51 23.64 3.21
#